data_9R4M
#
_entry.id   9R4M
#
_cell.length_a   106.524
_cell.length_b   106.524
_cell.length_c   127.109
_cell.angle_alpha   90.000
_cell.angle_beta   90.000
_cell.angle_gamma   120.000
#
_symmetry.space_group_name_H-M   'P 31 2 1'
#
loop_
_entity.id
_entity.type
_entity.pdbx_description
1 polymer 'Chains: A'
2 non-polymer alpha-D-mannopyranose
3 non-polymer GLYCEROL
4 non-polymer 'FORMIC ACID'
5 water water
#
_entity_poly.entity_id   1
_entity_poly.type   'polypeptide(L)'
_entity_poly.pdbx_seq_one_letter_code
;MAGIADLTAALASADRNRVTRVEAMRRSPTTISLSTLGALSALWGILYFMTCSGRNSRGVLADASSGMLQTRQSDSESLN
STGLAQAAINGLNARFYESSNARWSSDEPWWISGVALTMVIEYMRRSGSKEYLDQVEDVIEVQRQPLSWWPSGEGEFRAD
ATDDTGWWALAMVRMYDLTGNEDYLNISIKDEAYMRQWWTDTECGGGLYVDIQDLTYKNAIANELYLKLVASLANRAPNA
TIYLDRAQQAWTWFLGSGMINGVNLINDGLARDSNTGSCYNNRLPVWTYNQGVILGALVELYHATKDESYLLSAQAIADA
VLSPSNGLTSSSGVLTETCEGSDSCNQDQQVFKGVFALNLAELGDAVAGASSDPDAGQDYREYLDTNMQSMYANDRSEIV
PTLFDSSTGDLYDVSWSGPFRNATMPKQASAIGLYVANI
;
_entity_poly.pdbx_strand_id   A
#
loop_
_chem_comp.id
_chem_comp.type
_chem_comp.name
_chem_comp.formula
FMT non-polymer 'FORMIC ACID' 'C H2 O2'
GOL non-polymer GLYCEROL 'C3 H8 O3'
MAN D-saccharide, alpha linking alpha-D-mannopyranose 'C6 H12 O6'
#
# COMPACT_ATOMS: atom_id res chain seq x y z
N SER A 78 -11.08 15.50 -21.10
CA SER A 78 -10.11 14.92 -20.16
C SER A 78 -10.69 13.72 -19.43
N LEU A 79 -9.82 12.93 -18.80
CA LEU A 79 -10.28 11.72 -18.16
C LEU A 79 -10.89 12.01 -16.79
N ASN A 80 -12.00 11.34 -16.53
CA ASN A 80 -12.61 11.28 -15.20
C ASN A 80 -12.08 10.12 -14.38
N SER A 81 -11.16 10.44 -13.45
CA SER A 81 -10.55 9.39 -12.64
C SER A 81 -11.60 8.72 -11.74
N THR A 82 -12.65 9.45 -11.32
CA THR A 82 -13.67 8.78 -10.50
C THR A 82 -14.44 7.76 -11.33
N GLY A 83 -14.87 8.16 -12.53
CA GLY A 83 -15.48 7.24 -13.48
C GLY A 83 -14.65 6.00 -13.74
N LEU A 84 -13.36 6.16 -14.06
CA LEU A 84 -12.51 5.00 -14.38
C LEU A 84 -12.20 4.16 -13.16
N ALA A 85 -11.98 4.78 -12.00
CA ALA A 85 -11.83 3.98 -10.78
C ALA A 85 -13.04 3.07 -10.57
N GLN A 86 -14.24 3.59 -10.82
CA GLN A 86 -15.43 2.81 -10.55
C GLN A 86 -15.57 1.72 -11.62
N ALA A 87 -15.21 2.04 -12.88
CA ALA A 87 -15.19 1.00 -13.91
C ALA A 87 -14.15 -0.09 -13.59
N ALA A 88 -13.03 0.29 -12.99
CA ALA A 88 -12.01 -0.71 -12.71
C ALA A 88 -12.40 -1.60 -11.51
N ILE A 89 -13.06 -1.02 -10.51
CA ILE A 89 -13.63 -1.81 -9.42
C ILE A 89 -14.72 -2.75 -9.93
N ASN A 90 -15.53 -2.29 -10.89
CA ASN A 90 -16.50 -3.20 -11.44
C ASN A 90 -15.84 -4.36 -12.16
N GLY A 91 -14.79 -4.07 -12.94
CA GLY A 91 -14.02 -5.14 -13.56
C GLY A 91 -13.40 -6.07 -12.52
N LEU A 92 -12.81 -5.49 -11.49
CA LEU A 92 -12.32 -6.28 -10.36
C LEU A 92 -13.39 -7.23 -9.82
N ASN A 93 -14.60 -6.72 -9.57
CA ASN A 93 -15.62 -7.57 -8.98
C ASN A 93 -16.11 -8.60 -9.99
N ALA A 94 -16.27 -8.20 -11.26
CA ALA A 94 -16.87 -9.10 -12.24
C ALA A 94 -16.00 -10.33 -12.49
N ARG A 95 -14.70 -10.13 -12.58
CA ARG A 95 -13.77 -11.22 -12.86
C ARG A 95 -13.26 -11.93 -11.62
N PHE A 96 -13.20 -11.25 -10.46
CA PHE A 96 -12.41 -11.78 -9.34
C PHE A 96 -13.11 -11.87 -8.00
N TYR A 97 -14.27 -11.25 -7.82
CA TYR A 97 -14.90 -11.30 -6.50
C TYR A 97 -15.59 -12.64 -6.30
N GLU A 98 -15.43 -13.27 -5.12
CA GLU A 98 -16.13 -14.54 -4.82
C GLU A 98 -17.16 -14.28 -3.71
N SER A 99 -18.44 -14.20 -4.10
CA SER A 99 -19.50 -13.90 -3.13
C SER A 99 -19.55 -14.94 -2.02
N SER A 100 -19.42 -16.21 -2.40
CA SER A 100 -19.49 -17.30 -1.43
C SER A 100 -18.35 -17.23 -0.43
N ASN A 101 -17.29 -16.46 -0.72
CA ASN A 101 -16.15 -16.41 0.14
C ASN A 101 -15.90 -15.03 0.72
N ALA A 102 -16.62 -13.99 0.28
CA ALA A 102 -16.38 -12.61 0.73
C ALA A 102 -14.89 -12.25 0.66
N ARG A 103 -14.39 -12.33 -0.56
CA ARG A 103 -12.97 -12.21 -0.83
C ARG A 103 -12.85 -12.15 -2.35
N TRP A 104 -11.75 -11.53 -2.84
CA TRP A 104 -11.39 -11.61 -4.26
C TRP A 104 -10.39 -12.73 -4.47
N SER A 105 -10.48 -13.43 -5.62
CA SER A 105 -9.52 -14.45 -6.01
C SER A 105 -8.87 -15.25 -4.89
N SER A 106 -9.52 -16.34 -4.46
CA SER A 106 -8.92 -17.20 -3.45
C SER A 106 -7.64 -17.87 -3.96
N ASP A 107 -7.41 -17.87 -5.27
CA ASP A 107 -6.20 -18.44 -5.84
C ASP A 107 -5.03 -17.44 -5.90
N GLU A 108 -5.21 -16.23 -5.39
CA GLU A 108 -4.21 -15.19 -5.26
C GLU A 108 -3.94 -14.97 -3.78
N PRO A 109 -2.81 -14.37 -3.42
CA PRO A 109 -2.50 -14.19 -1.99
C PRO A 109 -3.57 -13.43 -1.24
N TRP A 110 -3.82 -13.89 -0.01
CA TRP A 110 -4.83 -13.28 0.87
C TRP A 110 -4.51 -11.80 1.16
N TRP A 111 -3.21 -11.45 1.32
CA TRP A 111 -2.94 -10.06 1.64
C TRP A 111 -3.34 -9.12 0.52
N ILE A 112 -3.44 -9.63 -0.72
CA ILE A 112 -3.80 -8.76 -1.83
C ILE A 112 -5.29 -8.52 -1.85
N SER A 113 -6.10 -9.39 -1.22
CA SER A 113 -7.50 -9.01 -0.96
C SER A 113 -7.57 -7.81 -0.01
N GLY A 114 -6.64 -7.74 0.96
CA GLY A 114 -6.53 -6.56 1.81
C GLY A 114 -6.22 -5.29 1.05
N VAL A 115 -5.22 -5.36 0.14
CA VAL A 115 -4.94 -4.20 -0.66
C VAL A 115 -6.16 -3.81 -1.48
N ALA A 116 -6.79 -4.77 -2.18
CA ALA A 116 -7.97 -4.45 -2.98
C ALA A 116 -9.03 -3.79 -2.13
N LEU A 117 -9.17 -4.24 -0.89
CA LEU A 117 -10.19 -3.64 0.00
C LEU A 117 -9.83 -2.17 0.29
N THR A 118 -8.55 -1.94 0.64
CA THR A 118 -8.01 -0.57 0.74
C THR A 118 -8.36 0.26 -0.48
N MET A 119 -8.22 -0.32 -1.67
CA MET A 119 -8.42 0.49 -2.86
C MET A 119 -9.89 0.89 -2.98
N VAL A 120 -10.78 -0.08 -2.71
CA VAL A 120 -12.21 0.20 -2.75
C VAL A 120 -12.60 1.20 -1.65
N ILE A 121 -12.08 1.00 -0.44
CA ILE A 121 -12.39 1.96 0.64
C ILE A 121 -11.92 3.35 0.24
N GLU A 122 -10.68 3.43 -0.30
CA GLU A 122 -10.16 4.74 -0.67
C GLU A 122 -10.94 5.37 -1.81
N TYR A 123 -11.37 4.57 -2.80
CA TYR A 123 -12.28 5.13 -3.80
C TYR A 123 -13.47 5.81 -3.14
N MET A 124 -14.03 5.17 -2.10
CA MET A 124 -15.30 5.66 -1.59
C MET A 124 -15.01 6.95 -0.81
N ARG A 125 -13.89 6.97 -0.09
CA ARG A 125 -13.52 8.15 0.66
C ARG A 125 -13.22 9.35 -0.24
N ARG A 126 -12.35 9.19 -1.25
CA ARG A 126 -11.97 10.33 -2.07
C ARG A 126 -13.12 10.81 -2.94
N SER A 127 -14.00 9.90 -3.37
CA SER A 127 -15.07 10.27 -4.27
C SER A 127 -16.37 10.64 -3.56
N GLY A 128 -16.57 10.19 -2.33
CA GLY A 128 -17.84 10.41 -1.66
C GLY A 128 -18.89 9.38 -1.96
N SER A 129 -18.59 8.33 -2.71
CA SER A 129 -19.59 7.32 -3.00
C SER A 129 -19.61 6.29 -1.88
N LYS A 130 -20.76 5.62 -1.71
CA LYS A 130 -20.84 4.47 -0.80
C LYS A 130 -21.33 3.21 -1.54
N GLU A 131 -21.10 3.14 -2.85
N GLU A 131 -21.13 3.15 -2.87
CA GLU A 131 -21.73 2.10 -3.66
CA GLU A 131 -21.72 2.08 -3.65
C GLU A 131 -21.15 0.72 -3.39
C GLU A 131 -21.24 0.71 -3.18
N TYR A 132 -19.99 0.62 -2.73
CA TYR A 132 -19.38 -0.66 -2.37
C TYR A 132 -19.33 -0.92 -0.86
N LEU A 133 -20.08 -0.15 -0.05
CA LEU A 133 -19.93 -0.27 1.40
C LEU A 133 -20.43 -1.62 1.90
N ASP A 134 -21.60 -2.05 1.42
CA ASP A 134 -22.12 -3.37 1.80
C ASP A 134 -21.16 -4.50 1.48
N GLN A 135 -20.56 -4.49 0.28
CA GLN A 135 -19.56 -5.49 -0.06
C GLN A 135 -18.37 -5.42 0.87
N VAL A 136 -17.82 -4.21 1.08
CA VAL A 136 -16.68 -4.08 1.98
C VAL A 136 -17.03 -4.63 3.35
N GLU A 137 -18.18 -4.23 3.89
CA GLU A 137 -18.56 -4.79 5.17
C GLU A 137 -18.58 -6.31 5.13
N ASP A 138 -19.11 -6.91 4.05
CA ASP A 138 -19.14 -8.37 3.95
C ASP A 138 -17.74 -8.96 4.01
N VAL A 139 -16.80 -8.37 3.24
CA VAL A 139 -15.46 -8.89 3.25
C VAL A 139 -14.86 -8.79 4.63
N ILE A 140 -15.08 -7.66 5.31
CA ILE A 140 -14.46 -7.52 6.61
C ILE A 140 -15.01 -8.57 7.58
N GLU A 141 -16.34 -8.75 7.57
CA GLU A 141 -16.95 -9.66 8.53
C GLU A 141 -16.42 -11.10 8.34
N VAL A 142 -16.24 -11.53 7.08
CA VAL A 142 -15.77 -12.89 6.87
C VAL A 142 -14.25 -12.97 7.02
N GLN A 143 -13.50 -11.98 6.51
CA GLN A 143 -12.05 -12.11 6.58
C GLN A 143 -11.49 -11.77 7.96
N ARG A 144 -12.30 -11.20 8.87
CA ARG A 144 -11.74 -10.99 10.22
C ARG A 144 -11.88 -12.22 11.10
N GLN A 145 -12.45 -13.31 10.57
CA GLN A 145 -12.56 -14.55 11.32
C GLN A 145 -11.19 -15.22 11.49
N PRO A 146 -11.03 -16.03 12.55
CA PRO A 146 -9.78 -16.80 12.68
C PRO A 146 -9.40 -17.46 11.36
N LEU A 147 -8.16 -17.20 10.91
CA LEU A 147 -7.76 -17.78 9.65
C LEU A 147 -7.51 -19.26 9.77
N SER A 148 -8.04 -20.00 8.79
CA SER A 148 -7.86 -21.44 8.78
C SER A 148 -6.38 -21.83 8.73
N TRP A 149 -5.50 -20.99 8.14
CA TRP A 149 -4.08 -21.32 8.11
C TRP A 149 -3.29 -20.70 9.26
N TRP A 150 -3.92 -19.93 10.15
CA TRP A 150 -3.22 -19.39 11.32
C TRP A 150 -4.22 -19.17 12.47
N PRO A 151 -4.79 -20.25 12.99
CA PRO A 151 -5.79 -20.09 14.08
C PRO A 151 -5.24 -19.47 15.37
N SER A 152 -3.94 -19.60 15.67
CA SER A 152 -3.41 -19.00 16.90
C SER A 152 -3.45 -17.47 16.85
N GLY A 153 -3.52 -16.87 15.64
CA GLY A 153 -3.74 -15.43 15.55
C GLY A 153 -5.07 -14.97 16.12
N GLU A 154 -6.07 -15.86 16.13
CA GLU A 154 -7.39 -15.56 16.76
C GLU A 154 -8.13 -14.47 15.95
N GLY A 155 -7.97 -14.52 14.61
CA GLY A 155 -8.70 -13.64 13.71
C GLY A 155 -8.32 -12.19 13.89
N GLU A 156 -9.26 -11.30 13.54
CA GLU A 156 -9.03 -9.85 13.56
C GLU A 156 -7.81 -9.52 12.67
N PHE A 157 -7.59 -10.35 11.67
CA PHE A 157 -6.54 -10.25 10.61
C PHE A 157 -5.14 -10.55 11.14
N ARG A 158 -5.03 -11.11 12.35
CA ARG A 158 -3.74 -11.53 12.91
C ARG A 158 -3.28 -12.81 12.20
N ALA A 159 -2.24 -12.70 11.33
CA ALA A 159 -1.98 -13.78 10.38
C ALA A 159 -0.58 -14.38 10.63
N ASP A 160 -0.15 -15.26 9.76
CA ASP A 160 1.16 -15.88 9.97
C ASP A 160 2.34 -15.04 9.43
N ALA A 161 2.13 -13.78 9.05
CA ALA A 161 3.24 -12.91 8.63
C ALA A 161 2.85 -11.52 9.12
N THR A 162 3.81 -10.74 9.61
CA THR A 162 3.41 -9.44 10.09
C THR A 162 3.03 -8.52 8.96
N ASP A 163 3.63 -8.67 7.74
CA ASP A 163 3.16 -7.79 6.66
C ASP A 163 1.71 -8.13 6.25
N ASP A 164 1.32 -9.41 6.08
CA ASP A 164 -0.10 -9.70 5.78
C ASP A 164 -1.04 -9.00 6.79
N THR A 165 -0.67 -9.05 8.06
CA THR A 165 -1.52 -8.40 9.08
C THR A 165 -1.53 -6.90 8.87
N GLY A 166 -0.39 -6.36 8.51
CA GLY A 166 -0.29 -4.92 8.37
C GLY A 166 -1.11 -4.36 7.23
N TRP A 167 -1.18 -5.09 6.09
CA TRP A 167 -2.02 -4.62 4.97
C TRP A 167 -3.50 -4.47 5.43
N TRP A 168 -4.02 -5.48 6.06
CA TRP A 168 -5.43 -5.40 6.56
C TRP A 168 -5.61 -4.37 7.67
N ALA A 169 -4.62 -4.23 8.54
CA ALA A 169 -4.68 -3.21 9.57
C ALA A 169 -4.82 -1.80 8.99
N LEU A 170 -4.01 -1.47 7.98
CA LEU A 170 -4.12 -0.16 7.36
C LEU A 170 -5.43 -0.02 6.61
N ALA A 171 -5.96 -1.11 6.04
CA ALA A 171 -7.26 -1.04 5.41
C ALA A 171 -8.29 -0.72 6.50
N MET A 172 -8.06 -1.14 7.74
CA MET A 172 -9.12 -0.93 8.77
C MET A 172 -8.96 0.52 9.26
N VAL A 173 -7.74 1.09 9.15
CA VAL A 173 -7.57 2.51 9.45
C VAL A 173 -8.35 3.34 8.44
N ARG A 174 -8.27 2.98 7.14
CA ARG A 174 -9.02 3.72 6.13
C ARG A 174 -10.54 3.55 6.33
N MET A 175 -10.98 2.34 6.61
CA MET A 175 -12.38 2.08 6.93
C MET A 175 -12.88 2.97 8.06
N TYR A 176 -12.07 3.12 9.11
CA TYR A 176 -12.40 4.03 10.21
C TYR A 176 -12.53 5.46 9.70
N ASP A 177 -11.55 5.92 8.90
CA ASP A 177 -11.57 7.24 8.27
C ASP A 177 -12.82 7.43 7.43
N LEU A 178 -13.22 6.39 6.69
CA LEU A 178 -14.42 6.47 5.87
C LEU A 178 -15.68 6.61 6.75
N THR A 179 -15.82 5.75 7.75
CA THR A 179 -17.10 5.56 8.47
C THR A 179 -17.17 6.20 9.84
N GLY A 180 -16.03 6.46 10.48
CA GLY A 180 -16.06 6.88 11.87
C GLY A 180 -16.43 5.79 12.87
N ASN A 181 -16.53 4.52 12.44
CA ASN A 181 -16.98 3.42 13.28
C ASN A 181 -15.78 2.86 14.03
N GLU A 182 -15.80 3.05 15.35
CA GLU A 182 -14.75 2.64 16.27
C GLU A 182 -14.38 1.16 16.14
N ASP A 183 -15.32 0.31 15.72
CA ASP A 183 -15.01 -1.10 15.54
C ASP A 183 -13.76 -1.28 14.64
N TYR A 184 -13.71 -0.55 13.53
CA TYR A 184 -12.55 -0.65 12.60
C TYR A 184 -11.27 -0.17 13.25
N LEU A 185 -11.33 0.94 13.97
CA LEU A 185 -10.12 1.39 14.67
C LEU A 185 -9.66 0.35 15.70
N ASN A 186 -10.59 -0.27 16.44
CA ASN A 186 -10.22 -1.32 17.41
C ASN A 186 -9.44 -2.47 16.76
N ILE A 187 -9.84 -2.89 15.57
CA ILE A 187 -9.13 -3.96 14.87
C ILE A 187 -7.69 -3.52 14.60
N SER A 188 -7.52 -2.27 14.17
CA SER A 188 -6.19 -1.70 13.84
C SER A 188 -5.33 -1.74 15.10
N ILE A 189 -5.96 -1.51 16.25
CA ILE A 189 -5.20 -1.46 17.50
C ILE A 189 -4.77 -2.87 17.90
N LYS A 190 -5.68 -3.87 17.75
CA LYS A 190 -5.31 -5.27 18.01
C LYS A 190 -4.15 -5.65 17.06
N ASP A 191 -4.22 -5.19 15.83
CA ASP A 191 -3.20 -5.58 14.83
C ASP A 191 -1.85 -5.00 15.18
N GLU A 192 -1.82 -3.76 15.69
CA GLU A 192 -0.55 -3.17 16.11
C GLU A 192 0.05 -3.96 17.27
N ALA A 193 -0.78 -4.34 18.27
CA ALA A 193 -0.26 -5.08 19.42
C ALA A 193 0.27 -6.45 18.98
N TYR A 194 -0.40 -7.08 18.03
CA TYR A 194 0.04 -8.37 17.52
C TYR A 194 1.39 -8.25 16.76
N MET A 195 1.51 -7.29 15.83
CA MET A 195 2.78 -7.12 15.08
C MET A 195 3.95 -6.85 16.00
N ARG A 196 3.76 -5.94 16.98
CA ARG A 196 4.76 -5.58 17.98
C ARG A 196 5.36 -6.78 18.67
N GLN A 197 4.62 -7.89 18.77
CA GLN A 197 5.19 -9.09 19.39
C GLN A 197 6.49 -9.50 18.71
N TRP A 198 6.66 -9.19 17.42
CA TRP A 198 7.83 -9.62 16.67
C TRP A 198 8.79 -8.50 16.38
N TRP A 199 8.65 -7.37 17.08
CA TRP A 199 9.73 -6.39 17.19
C TRP A 199 10.77 -6.91 18.18
N THR A 200 12.05 -6.87 17.82
CA THR A 200 13.12 -7.14 18.78
C THR A 200 14.16 -6.05 18.69
N ASP A 201 14.77 -5.73 19.84
CA ASP A 201 15.86 -4.75 19.89
C ASP A 201 17.20 -5.45 19.85
N THR A 202 17.16 -6.76 19.95
CA THR A 202 18.32 -7.63 20.11
C THR A 202 18.94 -8.09 18.80
N GLU A 203 18.22 -7.96 17.68
CA GLU A 203 18.80 -8.01 16.34
C GLU A 203 18.52 -6.74 15.56
N CYS A 204 19.57 -6.22 14.89
CA CYS A 204 19.48 -5.02 14.08
C CYS A 204 19.13 -3.79 14.88
N GLY A 205 19.32 -3.81 16.18
CA GLY A 205 18.96 -2.64 16.95
C GLY A 205 17.46 -2.35 16.97
N GLY A 206 16.59 -3.19 16.44
CA GLY A 206 15.18 -2.84 16.35
C GLY A 206 14.57 -3.44 15.09
N GLY A 207 13.34 -3.01 14.81
CA GLY A 207 12.55 -3.48 13.69
C GLY A 207 11.85 -4.81 13.95
N LEU A 208 10.86 -5.12 13.11
CA LEU A 208 10.26 -6.43 13.28
C LEU A 208 10.57 -7.39 12.14
N TYR A 209 10.41 -8.66 12.48
CA TYR A 209 10.47 -9.76 11.55
C TYR A 209 9.20 -9.83 10.73
N VAL A 210 9.33 -10.32 9.49
CA VAL A 210 8.16 -10.50 8.62
C VAL A 210 7.56 -11.88 8.81
N ASP A 211 8.44 -12.83 9.02
CA ASP A 211 8.13 -14.26 8.94
C ASP A 211 7.98 -14.85 10.34
N ILE A 212 6.73 -14.92 10.80
CA ILE A 212 6.49 -15.16 12.21
C ILE A 212 6.93 -16.57 12.62
N GLN A 213 6.72 -17.55 11.75
CA GLN A 213 7.22 -18.88 12.10
C GLN A 213 8.75 -19.00 12.03
N ASP A 214 9.42 -18.17 11.23
CA ASP A 214 10.85 -18.36 10.98
C ASP A 214 11.76 -17.40 11.73
N LEU A 215 11.42 -16.11 11.76
CA LEU A 215 12.20 -15.08 12.45
C LEU A 215 13.61 -14.98 11.88
N THR A 216 13.69 -14.88 10.56
CA THR A 216 14.98 -14.74 9.84
C THR A 216 15.13 -13.47 9.02
N TYR A 217 14.07 -12.70 8.81
CA TYR A 217 14.07 -11.59 7.86
C TYR A 217 13.38 -10.39 8.43
N LYS A 218 14.16 -9.36 8.66
CA LYS A 218 13.60 -8.02 8.91
C LYS A 218 13.68 -7.26 7.58
N ASN A 219 12.54 -6.99 6.95
CA ASN A 219 12.51 -6.46 5.59
C ASN A 219 11.90 -5.07 5.61
N ALA A 220 11.91 -4.43 4.45
CA ALA A 220 11.38 -3.07 4.38
C ALA A 220 9.87 -3.06 4.57
N ILE A 221 9.11 -3.92 3.85
CA ILE A 221 7.67 -3.68 3.75
C ILE A 221 7.00 -3.97 5.11
N ALA A 222 7.45 -5.02 5.84
CA ALA A 222 6.75 -5.24 7.14
C ALA A 222 7.04 -4.08 8.06
N ASN A 223 8.19 -3.47 7.89
CA ASN A 223 8.52 -2.40 8.84
C ASN A 223 7.93 -1.06 8.41
N GLU A 224 7.71 -0.88 7.11
CA GLU A 224 6.98 0.29 6.65
C GLU A 224 5.50 0.21 7.07
N LEU A 225 4.87 -0.93 6.85
CA LEU A 225 3.47 -1.11 7.24
C LEU A 225 3.30 -0.87 8.72
N TYR A 226 4.19 -1.46 9.53
CA TYR A 226 4.13 -1.20 10.96
C TYR A 226 4.30 0.29 11.26
N LEU A 227 5.30 0.92 10.63
CA LEU A 227 5.49 2.32 10.95
C LEU A 227 4.26 3.15 10.55
N LYS A 228 3.71 2.86 9.37
CA LYS A 228 2.55 3.63 8.94
C LYS A 228 1.36 3.34 9.88
N LEU A 229 1.27 2.12 10.42
CA LEU A 229 0.17 1.77 11.36
C LEU A 229 0.31 2.53 12.69
N VAL A 230 1.47 2.46 13.35
CA VAL A 230 1.64 3.20 14.59
C VAL A 230 1.49 4.69 14.38
N ALA A 231 2.01 5.24 13.27
CA ALA A 231 1.84 6.68 13.01
C ALA A 231 0.36 7.04 12.84
N SER A 232 -0.39 6.21 12.07
CA SER A 232 -1.84 6.40 11.93
C SER A 232 -2.54 6.38 13.28
N LEU A 233 -2.19 5.42 14.15
CA LEU A 233 -2.84 5.36 15.46
C LEU A 233 -2.47 6.57 16.31
N ALA A 234 -1.29 7.16 16.10
CA ALA A 234 -0.96 8.35 16.87
C ALA A 234 -1.89 9.51 16.54
N ASN A 235 -2.49 9.49 15.35
CA ASN A 235 -3.48 10.51 15.03
C ASN A 235 -4.91 10.12 15.39
N ARG A 236 -5.16 8.86 15.76
CA ARG A 236 -6.57 8.44 15.84
C ARG A 236 -6.98 7.74 17.13
N ALA A 237 -6.08 7.10 17.80
CA ALA A 237 -6.38 6.24 18.93
C ALA A 237 -6.42 7.02 20.24
N PRO A 238 -7.19 6.48 21.19
CA PRO A 238 -7.24 7.12 22.53
C PRO A 238 -5.88 7.23 23.23
N ASN A 239 -5.06 6.17 23.27
CA ASN A 239 -3.72 6.27 23.89
C ASN A 239 -2.73 6.77 22.85
N ALA A 240 -2.99 7.97 22.34
CA ALA A 240 -2.24 8.41 21.16
C ALA A 240 -0.74 8.53 21.43
N THR A 241 -0.34 8.87 22.67
CA THR A 241 1.07 9.21 22.84
C THR A 241 1.95 7.97 22.89
N ILE A 242 1.46 6.80 23.33
CA ILE A 242 2.28 5.60 23.14
C ILE A 242 2.58 5.34 21.67
N TYR A 243 1.57 5.50 20.80
CA TYR A 243 1.76 5.21 19.38
C TYR A 243 2.68 6.24 18.77
N LEU A 244 2.60 7.49 19.24
CA LEU A 244 3.51 8.48 18.67
C LEU A 244 4.98 8.15 19.03
N ASP A 245 5.24 7.83 20.30
N ASP A 245 5.24 7.75 20.28
CA ASP A 245 6.56 7.39 20.69
CA ASP A 245 6.60 7.39 20.68
C ASP A 245 7.04 6.21 19.87
C ASP A 245 7.08 6.16 19.93
N ARG A 246 6.21 5.17 19.73
CA ARG A 246 6.57 4.03 18.86
C ARG A 246 6.89 4.47 17.44
N ALA A 247 6.04 5.34 16.85
CA ALA A 247 6.28 5.71 15.46
C ALA A 247 7.58 6.49 15.32
N GLN A 248 7.86 7.38 16.27
CA GLN A 248 9.07 8.17 16.21
C GLN A 248 10.30 7.27 16.36
N GLN A 249 10.25 6.34 17.32
CA GLN A 249 11.28 5.32 17.47
C GLN A 249 11.41 4.47 16.20
N ALA A 250 10.29 3.96 15.68
CA ALA A 250 10.38 3.11 14.50
C ALA A 250 10.97 3.87 13.31
N TRP A 251 10.68 5.17 13.18
CA TRP A 251 11.23 5.88 12.05
C TRP A 251 12.74 6.10 12.23
N THR A 252 13.17 6.50 13.44
CA THR A 252 14.58 6.56 13.79
C THR A 252 15.31 5.27 13.43
N TRP A 253 14.72 4.13 13.83
CA TRP A 253 15.31 2.84 13.50
C TRP A 253 15.39 2.63 11.98
N PHE A 254 14.28 2.89 11.27
CA PHE A 254 14.23 2.63 9.83
C PHE A 254 15.32 3.44 9.13
N LEU A 255 15.43 4.72 9.51
CA LEU A 255 16.39 5.62 8.89
C LEU A 255 17.81 5.18 9.19
N GLY A 256 18.05 4.73 10.41
CA GLY A 256 19.35 4.24 10.79
C GLY A 256 19.66 2.86 10.31
N SER A 257 18.72 2.16 9.67
CA SER A 257 18.97 0.75 9.36
C SER A 257 19.92 0.59 8.17
N GLY A 258 19.92 1.54 7.24
CA GLY A 258 20.65 1.47 5.96
C GLY A 258 19.81 0.93 4.82
N MET A 259 18.54 0.56 5.05
CA MET A 259 17.68 0.20 3.92
C MET A 259 17.44 1.35 2.94
N ILE A 260 17.46 2.58 3.43
CA ILE A 260 17.40 3.75 2.55
C ILE A 260 18.82 3.97 2.03
N ASN A 261 18.98 3.81 0.74
CA ASN A 261 20.35 3.74 0.17
C ASN A 261 20.80 5.09 -0.34
N GLY A 262 21.93 5.09 -1.04
CA GLY A 262 22.63 6.31 -1.41
C GLY A 262 21.91 7.16 -2.42
N VAL A 263 20.91 6.63 -3.13
CA VAL A 263 20.07 7.50 -3.96
C VAL A 263 18.70 7.73 -3.32
N ASN A 264 18.52 7.42 -2.03
CA ASN A 264 17.27 7.69 -1.30
C ASN A 264 16.13 6.78 -1.70
N LEU A 265 16.46 5.59 -2.15
CA LEU A 265 15.51 4.54 -2.45
C LEU A 265 15.74 3.40 -1.48
N ILE A 266 14.73 2.54 -1.33
CA ILE A 266 14.70 1.55 -0.26
C ILE A 266 14.85 0.17 -0.87
N ASN A 267 15.92 -0.55 -0.46
CA ASN A 267 16.10 -1.93 -0.90
C ASN A 267 15.22 -2.89 -0.09
N ASP A 268 15.23 -4.18 -0.47
CA ASP A 268 14.15 -5.02 0.04
C ASP A 268 14.25 -5.25 1.54
N GLY A 269 15.42 -5.29 2.11
CA GLY A 269 15.50 -5.53 3.55
C GLY A 269 16.91 -5.62 4.08
N LEU A 270 17.04 -6.23 5.26
CA LEU A 270 18.35 -6.34 5.92
C LEU A 270 18.87 -7.76 5.88
N ALA A 271 20.20 -7.91 5.72
CA ALA A 271 20.96 -9.14 5.93
C ALA A 271 21.67 -9.00 7.27
N ARG A 272 22.06 -10.12 7.86
CA ARG A 272 22.71 -10.08 9.16
C ARG A 272 24.08 -10.73 9.08
N ASP A 273 25.08 -10.07 9.68
CA ASP A 273 26.47 -10.47 9.50
C ASP A 273 26.70 -11.76 10.25
N SER A 274 27.47 -12.65 9.62
CA SER A 274 27.61 -14.03 10.08
C SER A 274 28.33 -14.08 11.43
N ASN A 275 29.45 -13.37 11.54
CA ASN A 275 30.31 -13.42 12.71
C ASN A 275 29.87 -12.43 13.79
N THR A 276 29.33 -11.29 13.40
CA THR A 276 29.19 -10.13 14.25
C THR A 276 27.76 -9.79 14.67
N GLY A 277 26.75 -10.25 13.95
CA GLY A 277 25.39 -9.90 14.35
C GLY A 277 24.94 -8.56 13.82
N SER A 278 25.82 -7.82 13.17
CA SER A 278 25.40 -6.54 12.64
C SER A 278 24.59 -6.73 11.37
N CYS A 279 23.73 -5.77 11.07
CA CYS A 279 22.74 -5.81 10.00
C CYS A 279 23.14 -4.82 8.93
N TYR A 280 22.83 -5.13 7.66
CA TYR A 280 23.12 -4.20 6.60
C TYR A 280 22.14 -4.39 5.47
N ASN A 281 22.01 -3.34 4.67
CA ASN A 281 21.16 -3.39 3.48
C ASN A 281 21.48 -4.58 2.59
N ASN A 282 20.51 -5.45 2.33
CA ASN A 282 20.85 -6.68 1.59
C ASN A 282 21.00 -6.49 0.08
N ARG A 283 20.72 -5.28 -0.45
CA ARG A 283 20.87 -4.91 -1.85
C ARG A 283 19.98 -5.72 -2.76
N LEU A 284 18.89 -6.30 -2.23
CA LEU A 284 17.86 -6.90 -3.08
C LEU A 284 17.07 -5.77 -3.71
N PRO A 285 16.22 -6.07 -4.68
CA PRO A 285 15.65 -5.02 -5.53
C PRO A 285 14.92 -3.89 -4.84
N VAL A 286 14.84 -2.80 -5.59
CA VAL A 286 14.06 -1.62 -5.23
C VAL A 286 12.67 -1.78 -5.84
N TRP A 287 11.70 -2.09 -4.97
CA TRP A 287 10.32 -2.40 -5.34
C TRP A 287 9.46 -1.16 -5.10
N THR A 288 8.51 -0.90 -6.00
CA THR A 288 7.87 0.41 -5.92
C THR A 288 7.07 0.53 -4.63
N TYR A 289 6.48 -0.58 -4.16
CA TYR A 289 5.64 -0.42 -2.96
C TYR A 289 6.48 -0.11 -1.72
N ASN A 290 7.81 -0.37 -1.76
CA ASN A 290 8.69 -0.03 -0.63
C ASN A 290 9.12 1.41 -0.70
N GLN A 291 8.79 2.11 -1.79
CA GLN A 291 9.02 3.54 -1.88
C GLN A 291 7.74 4.29 -1.63
N GLY A 292 6.66 3.57 -1.24
CA GLY A 292 5.34 4.15 -1.20
C GLY A 292 4.73 4.10 0.20
N VAL A 293 4.67 2.92 0.81
CA VAL A 293 4.09 2.82 2.15
C VAL A 293 4.83 3.76 3.11
N ILE A 294 6.16 3.89 2.94
CA ILE A 294 6.97 4.76 3.81
C ILE A 294 6.52 6.21 3.64
N LEU A 295 6.01 6.60 2.45
CA LEU A 295 5.55 8.00 2.31
C LEU A 295 4.26 8.23 3.14
N GLY A 296 3.33 7.30 3.08
CA GLY A 296 2.14 7.43 3.95
C GLY A 296 2.53 7.51 5.41
N ALA A 297 3.52 6.70 5.81
CA ALA A 297 3.94 6.74 7.22
C ALA A 297 4.47 8.13 7.59
N LEU A 298 5.32 8.72 6.74
CA LEU A 298 5.91 10.02 7.05
C LEU A 298 4.84 11.11 7.00
N VAL A 299 3.85 10.95 6.13
CA VAL A 299 2.75 11.89 6.11
C VAL A 299 2.00 11.82 7.45
N GLU A 300 1.76 10.60 7.94
CA GLU A 300 1.07 10.53 9.24
C GLU A 300 1.94 11.08 10.36
N LEU A 301 3.26 10.87 10.28
CA LEU A 301 4.13 11.46 11.29
C LEU A 301 4.08 12.97 11.24
N TYR A 302 4.04 13.52 10.02
CA TYR A 302 3.84 14.96 9.90
C TYR A 302 2.52 15.38 10.56
N HIS A 303 1.46 14.60 10.35
CA HIS A 303 0.20 15.11 10.88
C HIS A 303 0.21 15.01 12.40
N ALA A 304 0.89 14.01 12.95
CA ALA A 304 0.95 13.83 14.40
C ALA A 304 1.82 14.90 15.07
N THR A 305 2.84 15.45 14.37
CA THR A 305 3.80 16.35 14.98
C THR A 305 3.79 17.76 14.39
N LYS A 306 3.24 17.94 13.18
CA LYS A 306 3.42 19.16 12.36
C LYS A 306 4.90 19.52 12.13
N ASP A 307 5.77 18.52 12.12
CA ASP A 307 7.19 18.75 11.86
C ASP A 307 7.47 18.43 10.39
N GLU A 308 7.64 19.49 9.59
CA GLU A 308 7.87 19.34 8.15
C GLU A 308 9.08 18.48 7.80
N SER A 309 10.03 18.23 8.72
CA SER A 309 11.14 17.30 8.43
C SER A 309 10.62 15.98 7.91
N TYR A 310 9.44 15.53 8.40
CA TYR A 310 8.95 14.25 7.92
C TYR A 310 8.54 14.35 6.45
N LEU A 311 7.89 15.44 6.05
CA LEU A 311 7.55 15.62 4.64
C LEU A 311 8.80 15.80 3.77
N LEU A 312 9.85 16.42 4.31
CA LEU A 312 11.08 16.57 3.51
C LEU A 312 11.73 15.23 3.21
N SER A 313 11.79 14.31 4.18
CA SER A 313 12.31 12.98 3.90
C SER A 313 11.42 12.25 2.90
N ALA A 314 10.10 12.31 3.10
CA ALA A 314 9.20 11.68 2.13
C ALA A 314 9.43 12.22 0.73
N GLN A 315 9.57 13.54 0.59
CA GLN A 315 9.72 14.11 -0.73
C GLN A 315 11.04 13.70 -1.35
N ALA A 316 12.06 13.46 -0.54
CA ALA A 316 13.32 12.98 -1.09
C ALA A 316 13.16 11.57 -1.67
N ILE A 317 12.35 10.73 -1.04
CA ILE A 317 12.19 9.38 -1.53
C ILE A 317 11.33 9.38 -2.79
N ALA A 318 10.21 10.14 -2.75
CA ALA A 318 9.36 10.30 -3.93
C ALA A 318 10.14 10.92 -5.09
N ASP A 319 10.93 11.99 -4.83
CA ASP A 319 11.66 12.55 -5.96
C ASP A 319 12.62 11.55 -6.57
N ALA A 320 13.22 10.67 -5.77
CA ALA A 320 14.09 9.64 -6.33
C ALA A 320 13.32 8.66 -7.23
N VAL A 321 12.07 8.29 -6.86
CA VAL A 321 11.30 7.42 -7.74
C VAL A 321 11.00 8.13 -9.05
N LEU A 322 10.68 9.43 -8.97
CA LEU A 322 10.26 10.13 -10.15
C LEU A 322 11.44 10.38 -11.11
N SER A 323 12.66 10.17 -10.66
CA SER A 323 13.81 10.56 -11.46
C SER A 323 14.16 9.45 -12.45
N PRO A 324 14.17 9.72 -13.78
CA PRO A 324 14.47 8.64 -14.74
C PRO A 324 15.82 7.99 -14.51
N SER A 325 16.71 8.66 -13.79
CA SER A 325 18.06 8.11 -13.63
C SER A 325 18.05 6.90 -12.72
N ASN A 326 17.05 6.74 -11.85
CA ASN A 326 16.98 5.56 -11.02
C ASN A 326 16.18 4.42 -11.65
N GLY A 327 15.62 4.63 -12.83
CA GLY A 327 15.05 3.52 -13.55
C GLY A 327 13.69 3.03 -13.06
N LEU A 328 13.08 3.66 -12.06
CA LEU A 328 11.68 3.29 -11.77
C LEU A 328 10.72 4.05 -12.67
N THR A 329 11.18 5.16 -13.24
CA THR A 329 10.39 6.01 -14.12
C THR A 329 11.02 5.89 -15.48
N SER A 330 10.22 5.50 -16.48
CA SER A 330 10.69 5.31 -17.85
C SER A 330 10.97 6.66 -18.51
N SER A 331 11.65 6.60 -19.68
CA SER A 331 11.85 7.83 -20.45
C SER A 331 10.53 8.42 -20.90
N SER A 332 9.47 7.61 -20.95
CA SER A 332 8.11 8.09 -21.21
C SER A 332 7.45 8.63 -19.97
N GLY A 333 8.13 8.60 -18.84
CA GLY A 333 7.57 9.14 -17.63
C GLY A 333 6.69 8.21 -16.84
N VAL A 334 6.63 6.91 -17.19
CA VAL A 334 5.67 6.00 -16.60
C VAL A 334 6.39 5.16 -15.55
N LEU A 335 5.73 5.00 -14.39
CA LEU A 335 6.18 4.11 -13.32
C LEU A 335 6.30 2.67 -13.79
N THR A 336 7.45 2.05 -13.50
CA THR A 336 7.81 0.78 -14.12
C THR A 336 8.46 -0.14 -13.09
N GLU A 337 7.82 -1.29 -12.82
CA GLU A 337 8.44 -2.29 -11.92
C GLU A 337 9.67 -2.91 -12.60
N THR A 338 10.68 -3.17 -11.77
CA THR A 338 11.94 -3.71 -12.28
C THR A 338 11.73 -5.07 -12.95
N CYS A 339 10.69 -5.81 -12.59
CA CYS A 339 10.45 -7.14 -13.19
C CYS A 339 9.71 -7.07 -14.53
N GLU A 340 9.20 -5.90 -14.93
CA GLU A 340 8.40 -5.83 -16.15
C GLU A 340 9.22 -6.16 -17.39
N GLY A 341 10.40 -5.54 -17.52
CA GLY A 341 11.20 -5.71 -18.73
C GLY A 341 11.33 -7.16 -19.17
N SER A 342 11.59 -8.03 -18.20
CA SER A 342 11.74 -9.46 -18.41
C SER A 342 10.41 -10.25 -18.30
N ASP A 343 9.27 -9.55 -18.28
CA ASP A 343 7.94 -10.16 -18.15
C ASP A 343 7.93 -11.22 -17.04
N SER A 344 8.46 -10.85 -15.88
CA SER A 344 8.59 -11.82 -14.80
C SER A 344 7.92 -11.37 -13.49
N CYS A 345 7.04 -10.37 -13.54
CA CYS A 345 6.37 -9.91 -12.33
C CYS A 345 5.43 -10.98 -11.82
N ASN A 346 5.67 -11.48 -10.60
CA ASN A 346 4.84 -12.53 -10.02
C ASN A 346 3.62 -11.90 -9.34
N GLN A 347 2.77 -12.76 -8.75
CA GLN A 347 1.48 -12.30 -8.23
C GLN A 347 1.65 -11.20 -7.18
N ASP A 348 2.73 -11.21 -6.39
CA ASP A 348 2.99 -10.13 -5.45
C ASP A 348 3.37 -8.85 -6.16
N GLN A 349 4.40 -8.92 -7.01
CA GLN A 349 4.96 -7.74 -7.66
C GLN A 349 3.91 -7.05 -8.53
N GLN A 350 2.96 -7.82 -9.05
CA GLN A 350 1.93 -7.24 -9.91
C GLN A 350 1.11 -6.17 -9.20
N VAL A 351 1.04 -6.18 -7.86
CA VAL A 351 0.18 -5.19 -7.19
C VAL A 351 0.98 -3.96 -6.74
N PHE A 352 2.32 -3.99 -6.85
CA PHE A 352 3.16 -3.00 -6.16
C PHE A 352 2.89 -1.55 -6.61
N LYS A 353 2.69 -1.32 -7.91
CA LYS A 353 2.74 0.06 -8.39
C LYS A 353 1.58 0.90 -7.84
N GLY A 354 0.35 0.37 -7.84
CA GLY A 354 -0.78 1.14 -7.33
C GLY A 354 -0.68 1.49 -5.86
N VAL A 355 -0.03 0.63 -5.06
CA VAL A 355 0.23 0.98 -3.67
C VAL A 355 1.16 2.19 -3.59
N PHE A 356 2.19 2.25 -4.46
CA PHE A 356 2.99 3.45 -4.49
C PHE A 356 2.12 4.64 -4.88
N ALA A 357 1.32 4.50 -5.94
CA ALA A 357 0.55 5.63 -6.45
C ALA A 357 -0.36 6.18 -5.35
N LEU A 358 -1.03 5.29 -4.63
CA LEU A 358 -1.98 5.77 -3.64
C LEU A 358 -1.24 6.56 -2.55
N ASN A 359 -0.08 6.07 -2.14
CA ASN A 359 0.70 6.76 -1.13
C ASN A 359 1.31 8.07 -1.66
N LEU A 360 1.73 8.10 -2.94
CA LEU A 360 2.20 9.36 -3.52
C LEU A 360 1.08 10.41 -3.53
N ALA A 361 -0.18 9.99 -3.68
CA ALA A 361 -1.26 10.97 -3.62
C ALA A 361 -1.45 11.49 -2.18
N GLU A 362 -1.29 10.63 -1.17
CA GLU A 362 -1.29 11.12 0.21
C GLU A 362 -0.19 12.15 0.44
N LEU A 363 1.03 11.89 -0.08
CA LEU A 363 2.12 12.86 0.07
C LEU A 363 1.83 14.16 -0.66
N GLY A 364 1.37 14.07 -1.91
CA GLY A 364 0.98 15.28 -2.63
C GLY A 364 -0.03 16.13 -1.88
N ASP A 365 -1.07 15.49 -1.30
CA ASP A 365 -2.08 16.23 -0.56
C ASP A 365 -1.47 16.90 0.66
N ALA A 366 -0.55 16.21 1.35
CA ALA A 366 0.04 16.79 2.55
C ALA A 366 0.98 17.94 2.21
N VAL A 367 1.79 17.77 1.16
CA VAL A 367 2.67 18.85 0.75
C VAL A 367 1.88 20.07 0.33
N ALA A 368 0.85 19.88 -0.51
CA ALA A 368 0.10 21.03 -0.97
C ALA A 368 -0.64 21.68 0.19
N GLY A 369 -1.03 20.91 1.20
CA GLY A 369 -1.73 21.52 2.33
C GLY A 369 -0.80 22.28 3.25
N ALA A 370 0.46 21.84 3.34
CA ALA A 370 1.42 22.40 4.29
C ALA A 370 2.00 23.74 3.86
N SER A 371 1.63 24.25 2.69
CA SER A 371 2.21 25.51 2.24
C SER A 371 1.17 26.29 1.45
N SER A 372 1.44 27.59 1.32
CA SER A 372 0.61 28.53 0.60
C SER A 372 0.91 28.58 -0.90
N ASP A 373 2.03 27.99 -1.33
CA ASP A 373 2.36 27.97 -2.74
C ASP A 373 1.32 27.15 -3.50
N PRO A 374 0.72 27.69 -4.56
CA PRO A 374 -0.28 26.93 -5.34
C PRO A 374 0.31 25.87 -6.27
N ASP A 375 1.62 25.90 -6.51
CA ASP A 375 2.30 24.84 -7.26
C ASP A 375 2.79 23.72 -6.35
N ALA A 376 2.55 23.83 -5.04
CA ALA A 376 3.06 22.85 -4.07
C ALA A 376 2.48 21.47 -4.37
N GLY A 377 3.37 20.49 -4.42
CA GLY A 377 2.96 19.15 -4.79
C GLY A 377 2.55 18.98 -6.24
N GLN A 378 2.69 20.02 -7.07
CA GLN A 378 2.33 19.90 -8.48
C GLN A 378 3.05 18.73 -9.15
N ASP A 379 4.34 18.50 -8.83
CA ASP A 379 5.05 17.45 -9.58
C ASP A 379 4.47 16.07 -9.31
N TYR A 380 4.01 15.83 -8.08
CA TYR A 380 3.41 14.53 -7.77
C TYR A 380 2.07 14.36 -8.47
N ARG A 381 1.26 15.43 -8.47
CA ARG A 381 0.00 15.42 -9.19
C ARG A 381 0.18 15.17 -10.68
N GLU A 382 1.17 15.83 -11.33
CA GLU A 382 1.36 15.57 -12.75
C GLU A 382 1.89 14.17 -13.01
N TYR A 383 2.79 13.69 -12.14
CA TYR A 383 3.26 12.32 -12.27
C TYR A 383 2.08 11.34 -12.29
N LEU A 384 1.20 11.44 -11.30
CA LEU A 384 0.06 10.53 -11.21
C LEU A 384 -0.81 10.65 -12.46
N ASP A 385 -0.99 11.88 -12.93
CA ASP A 385 -1.83 12.12 -14.09
C ASP A 385 -1.16 11.56 -15.37
N THR A 386 0.17 11.77 -15.52
CA THR A 386 0.88 11.18 -16.66
C THR A 386 0.72 9.67 -16.68
N ASN A 387 0.85 9.04 -15.50
CA ASN A 387 0.73 7.59 -15.43
C ASN A 387 -0.69 7.12 -15.73
N MET A 388 -1.70 7.80 -15.18
CA MET A 388 -3.09 7.48 -15.47
C MET A 388 -3.36 7.54 -16.97
N GLN A 389 -2.87 8.59 -17.65
CA GLN A 389 -3.19 8.66 -19.08
C GLN A 389 -2.54 7.51 -19.83
N SER A 390 -1.27 7.22 -19.50
CA SER A 390 -0.64 6.09 -20.18
C SER A 390 -1.36 4.78 -19.87
N MET A 391 -1.84 4.59 -18.63
CA MET A 391 -2.31 3.26 -18.33
C MET A 391 -3.65 3.06 -19.03
N TYR A 392 -4.45 4.14 -19.11
CA TYR A 392 -5.77 4.05 -19.74
C TYR A 392 -5.59 3.85 -21.24
N ALA A 393 -4.58 4.48 -21.83
CA ALA A 393 -4.44 4.41 -23.28
C ALA A 393 -3.84 3.10 -23.74
N ASN A 394 -2.91 2.51 -22.97
CA ASN A 394 -2.11 1.38 -23.42
C ASN A 394 -2.32 0.05 -22.72
N ASP A 395 -3.01 0.03 -21.60
CA ASP A 395 -2.98 -1.12 -20.72
C ASP A 395 -4.38 -1.59 -20.36
N ARG A 396 -5.39 -1.13 -21.09
CA ARG A 396 -6.75 -1.31 -20.65
C ARG A 396 -7.54 -2.19 -21.60
N SER A 397 -8.52 -2.91 -21.06
CA SER A 397 -9.30 -3.82 -21.88
C SER A 397 -10.69 -3.83 -21.27
N GLU A 398 -11.70 -4.23 -22.03
CA GLU A 398 -13.08 -4.15 -21.54
C GLU A 398 -13.69 -5.54 -21.46
N ILE A 399 -14.49 -5.81 -20.41
CA ILE A 399 -15.28 -7.05 -20.42
C ILE A 399 -16.31 -6.98 -21.53
N VAL A 400 -16.45 -8.11 -22.24
CA VAL A 400 -17.45 -8.26 -23.29
C VAL A 400 -18.79 -8.36 -22.61
N PRO A 401 -19.66 -7.38 -22.77
CA PRO A 401 -21.01 -7.52 -22.21
C PRO A 401 -21.80 -8.48 -23.10
N THR A 402 -22.71 -9.20 -22.48
CA THR A 402 -23.55 -10.17 -23.18
C THR A 402 -25.02 -9.79 -23.05
N LEU A 403 -25.86 -10.63 -23.68
CA LEU A 403 -27.29 -10.49 -23.57
C LEU A 403 -27.78 -10.75 -22.15
N PHE A 404 -27.00 -11.49 -21.36
CA PHE A 404 -27.38 -11.87 -20.01
C PHE A 404 -26.61 -11.06 -18.99
N ASP A 405 -25.30 -11.32 -18.87
CA ASP A 405 -24.43 -10.57 -17.99
C ASP A 405 -24.17 -9.19 -18.60
N SER A 406 -24.93 -8.22 -18.10
CA SER A 406 -24.78 -6.81 -18.42
C SER A 406 -23.60 -6.14 -17.67
N SER A 407 -22.80 -6.89 -16.90
CA SER A 407 -21.68 -6.28 -16.16
C SER A 407 -20.69 -5.60 -17.13
N THR A 408 -20.24 -4.43 -16.70
CA THR A 408 -19.35 -3.56 -17.44
C THR A 408 -18.22 -3.15 -16.51
N GLY A 409 -17.01 -3.28 -16.99
CA GLY A 409 -15.91 -2.73 -16.25
C GLY A 409 -14.70 -2.75 -17.14
N ASP A 410 -13.60 -2.25 -16.58
CA ASP A 410 -12.33 -2.25 -17.28
C ASP A 410 -11.36 -3.20 -16.58
N LEU A 411 -10.48 -3.78 -17.38
CA LEU A 411 -9.46 -4.73 -16.93
C LEU A 411 -8.07 -4.20 -17.30
N TYR A 412 -7.04 -4.59 -16.52
CA TYR A 412 -5.70 -4.03 -16.67
C TYR A 412 -4.64 -5.10 -16.50
N ASP A 413 -3.55 -4.94 -17.27
CA ASP A 413 -2.34 -5.73 -17.12
C ASP A 413 -1.31 -5.01 -16.27
N VAL A 414 -0.12 -5.60 -16.14
CA VAL A 414 0.83 -5.12 -15.13
C VAL A 414 1.56 -3.87 -15.61
N SER A 415 1.82 -3.73 -16.90
CA SER A 415 2.63 -2.61 -17.36
C SER A 415 1.74 -1.41 -17.65
N TRP A 416 1.99 -0.30 -16.95
CA TRP A 416 1.22 0.90 -17.21
C TRP A 416 1.52 1.55 -18.57
N SER A 417 2.36 0.93 -19.34
CA SER A 417 2.64 1.46 -20.66
C SER A 417 2.65 0.37 -21.71
N GLY A 418 3.18 -0.81 -21.37
CA GLY A 418 3.17 -1.92 -22.27
C GLY A 418 1.78 -2.40 -22.47
N PRO A 419 1.63 -3.42 -23.29
CA PRO A 419 0.33 -3.74 -23.88
C PRO A 419 -0.50 -4.58 -22.90
N PHE A 420 -1.81 -4.55 -23.09
CA PHE A 420 -2.68 -5.42 -22.30
C PHE A 420 -2.65 -6.83 -22.88
N ARG A 421 -2.24 -7.82 -22.09
CA ARG A 421 -2.36 -9.20 -22.53
C ARG A 421 -3.33 -10.02 -21.67
N ASN A 422 -3.36 -9.78 -20.38
CA ASN A 422 -4.23 -10.55 -19.51
C ASN A 422 -4.33 -9.83 -18.18
N ALA A 423 -5.51 -9.94 -17.56
CA ALA A 423 -5.79 -9.30 -16.29
C ALA A 423 -5.69 -10.33 -15.18
N THR A 424 -5.14 -9.92 -14.04
CA THR A 424 -5.15 -10.74 -12.84
C THR A 424 -5.63 -9.83 -11.72
N MET A 425 -5.99 -10.42 -10.59
CA MET A 425 -6.56 -9.58 -9.53
C MET A 425 -5.50 -8.63 -8.97
N PRO A 426 -4.27 -9.08 -8.66
CA PRO A 426 -3.23 -8.10 -8.26
C PRO A 426 -2.99 -7.01 -9.31
N LYS A 427 -2.94 -7.35 -10.61
CA LYS A 427 -2.78 -6.30 -11.62
C LYS A 427 -3.95 -5.32 -11.57
N GLN A 428 -5.16 -5.85 -11.37
CA GLN A 428 -6.35 -5.01 -11.34
C GLN A 428 -6.37 -4.12 -10.10
N ALA A 429 -6.04 -4.67 -8.92
CA ALA A 429 -5.97 -3.87 -7.70
C ALA A 429 -4.99 -2.71 -7.86
N SER A 430 -3.83 -2.98 -8.46
CA SER A 430 -2.86 -1.90 -8.72
C SER A 430 -3.47 -0.81 -9.61
N ALA A 431 -4.14 -1.21 -10.69
CA ALA A 431 -4.75 -0.24 -11.59
C ALA A 431 -5.79 0.64 -10.85
N ILE A 432 -6.67 0.03 -10.03
CA ILE A 432 -7.59 0.87 -9.29
C ILE A 432 -6.85 1.90 -8.45
N GLY A 433 -5.78 1.45 -7.77
CA GLY A 433 -4.95 2.36 -6.99
C GLY A 433 -4.55 3.61 -7.73
N LEU A 434 -4.12 3.47 -8.99
CA LEU A 434 -3.66 4.65 -9.74
C LEU A 434 -4.82 5.61 -9.99
N TYR A 435 -5.97 5.09 -10.43
CA TYR A 435 -7.13 5.95 -10.63
C TYR A 435 -7.56 6.64 -9.33
N VAL A 436 -7.61 5.91 -8.21
CA VAL A 436 -8.03 6.51 -6.94
C VAL A 436 -7.03 7.58 -6.49
N ALA A 437 -5.74 7.39 -6.82
CA ALA A 437 -4.70 8.42 -6.57
C ALA A 437 -4.99 9.72 -7.30
N ASN A 438 -5.73 9.66 -8.40
CA ASN A 438 -6.04 10.81 -9.22
C ASN A 438 -7.42 11.40 -8.91
N ILE A 439 -8.14 10.81 -7.98
CA ILE A 439 -9.45 11.37 -7.60
C ILE A 439 -9.23 12.53 -6.63
C1 MAN B . -3.75 -19.53 2.34
C2 MAN B . -3.70 -18.38 1.20
C3 MAN B . -2.44 -17.39 1.37
C4 MAN B . -1.85 -17.44 2.80
C5 MAN B . -1.36 -18.91 2.98
C6 MAN B . -0.43 -19.17 4.18
O1 MAN B . -4.38 -20.71 1.74
O2 MAN B . -4.97 -17.64 1.07
O3 MAN B . -2.53 -16.03 0.82
O4 MAN B . -0.72 -16.59 2.86
O5 MAN B . -2.50 -19.88 3.03
O6 MAN B . 0.56 -18.17 4.18
C1 MAN C . 8.44 -11.37 -0.52
C2 MAN C . 9.36 -10.67 0.58
C3 MAN C . 9.37 -9.11 0.42
C4 MAN C . 9.56 -8.67 -1.11
C5 MAN C . 8.72 -9.46 -2.08
C6 MAN C . 9.22 -9.13 -3.53
O1 MAN C . 6.96 -11.24 -0.19
O2 MAN C . 10.79 -11.07 0.37
O3 MAN C . 10.44 -8.56 1.20
O4 MAN C . 9.34 -7.24 -1.41
O5 MAN C . 8.79 -10.94 -1.79
O6 MAN C . 8.41 -9.80 -4.44
C1 MAN D . 15.26 -13.37 1.23
C2 MAN D . 14.41 -13.64 2.48
C3 MAN D . 15.31 -14.23 3.69
C4 MAN D . 16.74 -13.64 3.81
C5 MAN D . 16.87 -12.35 2.90
C6 MAN D . 18.28 -11.64 2.83
O1 MAN D . 14.39 -12.78 0.16
O2 MAN D . 13.31 -14.55 2.25
O3 MAN D . 15.32 -15.69 3.72
O4 MAN D . 17.04 -13.36 5.23
O5 MAN D . 16.48 -12.64 1.52
O6 MAN D . 18.38 -10.60 3.79
C1 GOL E . 17.87 -10.07 11.56
O1 GOL E . 18.10 -11.26 12.32
C2 GOL E . 18.21 -10.39 10.10
O2 GOL E . 17.97 -11.70 9.77
C3 GOL E . 17.56 -9.23 9.18
O3 GOL E . 16.90 -9.76 8.07
C1 GOL F . 2.82 -10.01 1.95
O1 GOL F . 1.84 -9.18 2.75
C2 GOL F . 3.39 -8.99 1.01
O2 GOL F . 3.71 -7.76 1.58
C3 GOL F . 4.61 -9.69 0.24
O3 GOL F . 5.25 -8.64 -0.40
C FMT G . -1.06 1.04 2.31
O1 FMT G . -2.21 0.78 2.76
O2 FMT G . -0.55 2.17 2.16
#